data_4OFB
#
_entry.id   4OFB
#
_cell.length_a   37.811
_cell.length_b   37.811
_cell.length_c   175.993
_cell.angle_alpha   90.000
_cell.angle_beta   90.000
_cell.angle_gamma   90.000
#
_symmetry.space_group_name_H-M   'P 41'
#
loop_
_entity.id
_entity.type
_entity.pdbx_description
1 polymer 'Breast cancer type 1 susceptibility protein'
2 polymer 'nonphosphopeptide inhibitor'
#
loop_
_entity_poly.entity_id
_entity_poly.type
_entity_poly.pdbx_seq_one_letter_code
_entity_poly.pdbx_strand_id
1 'polypeptide(L)'
;VNKRMSMVVSGLTPEEFMLVYKFARKHHITLTNLITEETTHVVMKTDAEFVCERTLKYFLGIAGGKWVVSYFWVTQSIKE
RKMLNEHDFEVRGDVVNGRNHQGPKRARESQDRKIFRGLEICCYGPFTNMPTDQLEWMVQLCGASVVKELSSFTLGTGVH
PIVVVQPDAWTEDNGFHAIGQMCEAPVVTREWVLDSVALYQCQELDTYLIPQIP
;
A
2 'polypeptide(L)' (ACE)TID(PFF)DEYR(PFF)RKT(NH2) B
#
loop_
_chem_comp.id
_chem_comp.type
_chem_comp.name
_chem_comp.formula
ACE non-polymer 'ACETYL GROUP' 'C2 H4 O'
NH2 non-polymer 'AMINO GROUP' 'H2 N'
#
# COMPACT_ATOMS: atom_id res chain seq x y z
N ARG A 4 -21.84 -0.37 8.10
CA ARG A 4 -20.55 0.13 8.54
C ARG A 4 -19.71 0.58 7.35
N MET A 5 -19.37 1.87 7.33
CA MET A 5 -18.55 2.47 6.28
C MET A 5 -17.66 3.57 6.86
N SER A 6 -16.44 3.66 6.33
CA SER A 6 -15.56 4.80 6.59
C SER A 6 -14.55 4.99 5.48
N MET A 7 -14.51 6.21 4.94
CA MET A 7 -13.74 6.53 3.76
C MET A 7 -12.56 7.46 4.01
N VAL A 8 -11.51 7.27 3.19
CA VAL A 8 -10.48 8.29 3.03
C VAL A 8 -10.40 8.56 1.54
N VAL A 9 -9.76 9.66 1.15
CA VAL A 9 -9.55 9.89 -0.27
C VAL A 9 -8.09 10.12 -0.58
N SER A 10 -7.74 9.93 -1.85
CA SER A 10 -6.36 10.04 -2.25
C SER A 10 -6.33 10.62 -3.66
N GLY A 11 -5.50 11.63 -3.86
CA GLY A 11 -5.33 12.23 -5.17
C GLY A 11 -6.42 13.22 -5.56
N LEU A 12 -7.26 13.60 -4.62
CA LEU A 12 -8.37 14.49 -4.92
C LEU A 12 -8.00 15.95 -4.66
N THR A 13 -8.58 16.84 -5.44
CA THR A 13 -8.49 18.28 -5.16
C THR A 13 -9.43 18.63 -4.02
N PRO A 14 -9.20 19.80 -3.37
CA PRO A 14 -10.16 20.22 -2.32
C PRO A 14 -11.58 20.26 -2.84
N GLU A 15 -11.76 20.68 -4.09
CA GLU A 15 -13.10 20.80 -4.64
C GLU A 15 -13.74 19.43 -4.77
N GLU A 16 -12.93 18.44 -5.15
CA GLU A 16 -13.41 17.08 -5.27
C GLU A 16 -13.70 16.44 -3.92
N PHE A 17 -12.82 16.68 -2.95
CA PHE A 17 -13.06 16.21 -1.59
C PHE A 17 -14.38 16.69 -1.05
N MET A 18 -14.65 17.97 -1.28
CA MET A 18 -15.87 18.62 -0.84
C MET A 18 -17.12 17.92 -1.37
N LEU A 19 -17.04 17.39 -2.59
CA LEU A 19 -18.14 16.62 -3.16
C LEU A 19 -18.29 15.25 -2.51
N VAL A 20 -17.17 14.58 -2.26
CA VAL A 20 -17.19 13.34 -1.48
C VAL A 20 -17.81 13.50 -0.11
N TYR A 21 -17.47 14.56 0.60
CA TYR A 21 -18.08 14.83 1.91
C TYR A 21 -19.60 14.98 1.84
N LYS A 22 -20.06 15.75 0.86
CA LYS A 22 -21.48 15.93 0.61
C LYS A 22 -22.11 14.57 0.30
N PHE A 23 -21.44 13.79 -0.53
CA PHE A 23 -21.86 12.44 -0.86
C PHE A 23 -21.88 11.58 0.40
N ALA A 24 -20.81 11.67 1.19
CA ALA A 24 -20.68 10.90 2.44
C ALA A 24 -21.81 11.23 3.40
N ARG A 25 -22.14 12.52 3.47
CA ARG A 25 -23.19 13.01 4.36
C ARG A 25 -24.60 12.59 3.98
N LYS A 26 -24.90 12.61 2.68
CA LYS A 26 -26.20 12.19 2.17
C LYS A 26 -26.44 10.72 2.50
N HIS A 27 -25.40 9.91 2.37
CA HIS A 27 -25.51 8.47 2.54
C HIS A 27 -25.02 8.05 3.93
N HIS A 28 -24.72 9.05 4.76
CA HIS A 28 -24.26 8.85 6.14
C HIS A 28 -23.01 7.99 6.31
N ILE A 29 -21.98 8.33 5.55
CA ILE A 29 -20.73 7.60 5.59
C ILE A 29 -19.68 8.45 6.29
N THR A 30 -18.97 7.83 7.23
CA THR A 30 -17.88 8.49 7.93
C THR A 30 -16.72 8.77 6.97
N LEU A 31 -16.21 10.01 6.99
CA LEU A 31 -15.09 10.40 6.13
C LEU A 31 -13.96 11.00 6.97
N THR A 32 -12.79 10.36 6.90
CA THR A 32 -11.60 10.80 7.64
C THR A 32 -10.42 11.17 6.75
N ASN A 33 -9.43 11.85 7.34
CA ASN A 33 -8.20 12.15 6.64
C ASN A 33 -7.22 11.00 6.64
N LEU A 34 -7.21 10.21 7.70
CA LEU A 34 -6.18 9.19 7.85
C LEU A 34 -6.84 7.84 7.74
N ILE A 35 -6.15 6.90 7.12
CA ILE A 35 -6.65 5.55 7.01
C ILE A 35 -6.33 4.80 8.30
N THR A 36 -7.30 4.03 8.79
CA THR A 36 -7.07 3.19 9.96
C THR A 36 -7.71 1.83 9.75
N GLU A 37 -7.58 0.96 10.73
CA GLU A 37 -8.26 -0.34 10.72
C GLU A 37 -9.77 -0.21 10.56
N GLU A 38 -10.32 0.92 11.00
CA GLU A 38 -11.76 1.14 10.92
C GLU A 38 -12.20 1.38 9.48
N THR A 39 -11.27 1.85 8.66
CA THR A 39 -11.55 2.31 7.30
C THR A 39 -12.05 1.18 6.40
N THR A 40 -13.16 1.39 5.71
CA THR A 40 -13.66 0.39 4.78
C THR A 40 -13.44 0.76 3.32
N HIS A 41 -13.31 2.06 3.02
CA HIS A 41 -13.24 2.52 1.63
C HIS A 41 -12.11 3.51 1.35
N VAL A 42 -11.39 3.23 0.27
CA VAL A 42 -10.37 4.13 -0.24
C VAL A 42 -10.74 4.60 -1.64
N VAL A 43 -11.01 5.89 -1.76
CA VAL A 43 -11.44 6.49 -3.02
C VAL A 43 -10.27 7.13 -3.75
N MET A 44 -9.81 6.47 -4.81
CA MET A 44 -8.65 6.92 -5.59
C MET A 44 -9.10 7.84 -6.72
N LYS A 45 -8.40 8.94 -6.94
CA LYS A 45 -8.50 9.64 -8.20
C LYS A 45 -8.07 8.68 -9.30
N THR A 46 -8.84 8.60 -10.38
CA THR A 46 -8.46 7.75 -11.50
C THR A 46 -8.71 8.42 -12.84
N ASP A 47 -8.13 7.84 -13.88
CA ASP A 47 -8.59 8.09 -15.25
C ASP A 47 -9.88 7.31 -15.57
N ALA A 48 -10.36 7.43 -16.80
CA ALA A 48 -11.62 6.80 -17.19
C ALA A 48 -11.55 5.28 -17.27
N GLU A 49 -10.35 4.71 -17.24
CA GLU A 49 -10.20 3.26 -17.26
C GLU A 49 -9.88 2.72 -15.87
N PHE A 50 -10.16 3.54 -14.86
CA PHE A 50 -10.03 3.16 -13.46
C PHE A 50 -8.59 2.84 -13.11
N VAL A 51 -7.67 3.61 -13.69
CA VAL A 51 -6.26 3.47 -13.36
C VAL A 51 -5.85 4.66 -12.51
N CYS A 52 -5.16 4.37 -11.41
CA CYS A 52 -4.76 5.40 -10.45
C CYS A 52 -3.24 5.57 -10.33
N GLU A 53 -2.82 6.55 -9.55
CA GLU A 53 -1.44 6.66 -9.12
C GLU A 53 -1.21 5.98 -7.77
N ARG A 54 0.03 5.56 -7.50
CA ARG A 54 0.31 4.83 -6.27
C ARG A 54 0.62 5.77 -5.12
N THR A 55 -0.28 5.78 -4.13
CA THR A 55 -0.10 6.55 -2.91
C THR A 55 -0.03 5.61 -1.71
N LEU A 56 0.31 6.17 -0.54
CA LEU A 56 0.33 5.37 0.69
C LEU A 56 -1.04 4.77 1.00
N LYS A 57 -2.08 5.58 0.82
CA LYS A 57 -3.46 5.13 1.03
C LYS A 57 -3.81 4.00 0.09
N TYR A 58 -3.36 4.12 -1.16
CA TYR A 58 -3.52 3.04 -2.14
C TYR A 58 -2.94 1.74 -1.58
N PHE A 59 -1.69 1.78 -1.13
CA PHE A 59 -1.01 0.57 -0.66
C PHE A 59 -1.70 0.01 0.59
N LEU A 60 -2.03 0.89 1.53
CA LEU A 60 -2.66 0.50 2.79
C LEU A 60 -4.10 0.05 2.61
N GLY A 61 -4.82 0.66 1.66
CA GLY A 61 -6.13 0.17 1.30
C GLY A 61 -6.12 -1.26 0.80
N ILE A 62 -5.19 -1.57 -0.09
CA ILE A 62 -5.03 -2.94 -0.58
C ILE A 62 -4.57 -3.91 0.52
N ALA A 63 -3.58 -3.49 1.30
CA ALA A 63 -3.04 -4.30 2.39
C ALA A 63 -4.09 -4.71 3.41
N GLY A 64 -5.02 -3.80 3.69
CA GLY A 64 -6.13 -4.07 4.58
C GLY A 64 -7.27 -4.81 3.93
N GLY A 65 -7.11 -5.12 2.64
CA GLY A 65 -8.16 -5.77 1.87
C GLY A 65 -9.42 -4.95 1.78
N LYS A 66 -9.25 -3.62 1.80
CA LYS A 66 -10.35 -2.66 1.72
C LYS A 66 -10.88 -2.49 0.30
N TRP A 67 -11.97 -1.73 0.19
CA TRP A 67 -12.46 -1.26 -1.10
C TRP A 67 -11.63 -0.11 -1.65
N VAL A 68 -11.05 -0.34 -2.82
CA VAL A 68 -10.28 0.66 -3.51
C VAL A 68 -11.00 0.96 -4.82
N VAL A 69 -11.76 2.06 -4.82
CA VAL A 69 -12.69 2.36 -5.90
C VAL A 69 -12.41 3.73 -6.52
N SER A 70 -12.83 3.91 -7.77
CA SER A 70 -12.66 5.18 -8.44
C SER A 70 -13.53 6.28 -7.83
N TYR A 71 -12.99 7.49 -7.74
CA TYR A 71 -13.77 8.69 -7.45
C TYR A 71 -15.01 8.82 -8.35
N PHE A 72 -14.97 8.19 -9.52
CA PHE A 72 -16.13 8.10 -10.41
C PHE A 72 -17.29 7.37 -9.74
N TRP A 73 -17.00 6.56 -8.74
CA TRP A 73 -18.03 5.94 -7.94
C TRP A 73 -18.90 7.02 -7.31
N VAL A 74 -18.26 8.03 -6.73
CA VAL A 74 -18.98 9.14 -6.11
C VAL A 74 -19.75 10.00 -7.12
N THR A 75 -19.06 10.49 -8.13
CA THR A 75 -19.66 11.44 -9.08
C THR A 75 -20.81 10.82 -9.86
N GLN A 76 -20.67 9.55 -10.22
CA GLN A 76 -21.68 8.88 -11.00
C GLN A 76 -22.89 8.57 -10.10
N SER A 77 -22.62 8.26 -8.84
CA SER A 77 -23.67 8.07 -7.85
C SER A 77 -24.47 9.35 -7.63
N ILE A 78 -23.76 10.47 -7.57
CA ILE A 78 -24.40 11.76 -7.38
C ILE A 78 -25.38 12.02 -8.52
N LYS A 79 -24.91 11.82 -9.75
CA LYS A 79 -25.74 12.04 -10.93
C LYS A 79 -26.95 11.12 -10.98
N GLU A 80 -26.75 9.86 -10.61
CA GLU A 80 -27.85 8.90 -10.66
C GLU A 80 -28.70 8.93 -9.38
N ARG A 81 -28.30 9.80 -8.45
CA ARG A 81 -28.98 9.95 -7.16
C ARG A 81 -29.19 8.67 -6.37
N LYS A 82 -28.19 7.78 -6.39
CA LYS A 82 -28.21 6.59 -5.54
C LYS A 82 -26.81 6.04 -5.36
N MET A 83 -26.59 5.27 -4.30
CA MET A 83 -25.28 4.68 -4.07
C MET A 83 -25.07 3.49 -5.00
N LEU A 84 -24.10 3.60 -5.89
CA LEU A 84 -23.84 2.56 -6.88
C LEU A 84 -23.00 1.43 -6.29
N ASN A 85 -22.82 0.36 -7.06
CA ASN A 85 -22.10 -0.81 -6.56
C ASN A 85 -20.61 -0.56 -6.59
N GLU A 86 -19.94 -0.77 -5.46
CA GLU A 86 -18.51 -0.60 -5.38
C GLU A 86 -17.83 -1.47 -6.43
N HIS A 87 -18.45 -2.61 -6.74
CA HIS A 87 -17.87 -3.57 -7.65
C HIS A 87 -17.68 -3.01 -9.05
N ASP A 88 -18.53 -2.04 -9.40
CA ASP A 88 -18.49 -1.43 -10.72
C ASP A 88 -17.43 -0.34 -10.91
N PHE A 89 -16.80 0.07 -9.81
CA PHE A 89 -15.87 1.20 -9.83
C PHE A 89 -14.55 0.88 -9.20
N GLU A 90 -14.28 -0.41 -9.00
CA GLU A 90 -13.08 -0.83 -8.31
C GLU A 90 -11.88 -0.55 -9.20
N VAL A 91 -10.81 -0.05 -8.59
CA VAL A 91 -9.57 0.19 -9.29
C VAL A 91 -9.07 -1.09 -9.94
N ARG A 92 -8.70 -0.99 -11.22
CA ARG A 92 -8.26 -2.13 -12.00
C ARG A 92 -6.75 -2.26 -11.98
N GLY A 93 -6.07 -1.14 -11.73
CA GLY A 93 -4.62 -1.12 -11.76
C GLY A 93 -4.07 0.27 -11.55
N ASP A 94 -2.79 0.44 -11.83
CA ASP A 94 -2.14 1.71 -11.53
C ASP A 94 -1.09 2.02 -12.57
N VAL A 95 -0.61 3.27 -12.56
CA VAL A 95 0.28 3.74 -13.60
C VAL A 95 1.69 3.13 -13.54
N VAL A 96 2.00 2.40 -12.49
CA VAL A 96 3.32 1.80 -12.38
C VAL A 96 3.37 0.30 -12.69
N ASN A 97 2.52 -0.47 -12.03
CA ASN A 97 2.57 -1.93 -12.15
C ASN A 97 1.65 -2.54 -13.20
N GLY A 98 0.78 -1.73 -13.80
CA GLY A 98 -0.07 -2.26 -14.85
C GLY A 98 -1.47 -1.72 -14.75
N ARG A 99 -2.07 -1.43 -15.90
CA ARG A 99 -3.37 -0.78 -15.93
C ARG A 99 -4.49 -1.74 -15.57
N ASN A 100 -4.20 -3.04 -15.57
CA ASN A 100 -5.22 -4.04 -15.27
C ASN A 100 -4.72 -5.22 -14.45
N HIS A 101 -3.89 -4.97 -13.45
CA HIS A 101 -3.36 -6.06 -12.62
C HIS A 101 -4.43 -6.63 -11.67
N GLN A 102 -5.44 -5.82 -11.38
CA GLN A 102 -6.55 -6.19 -10.47
C GLN A 102 -6.12 -6.47 -9.04
N GLY A 103 -5.08 -5.78 -8.58
CA GLY A 103 -4.62 -5.90 -7.21
C GLY A 103 -5.69 -5.69 -6.14
N PRO A 104 -6.51 -4.63 -6.27
CA PRO A 104 -7.53 -4.35 -5.26
C PRO A 104 -8.58 -5.46 -5.09
N LYS A 105 -9.05 -6.03 -6.20
CA LYS A 105 -10.01 -7.13 -6.14
C LYS A 105 -9.43 -8.41 -5.54
N ARG A 106 -8.21 -8.75 -5.98
CA ARG A 106 -7.47 -9.90 -5.47
C ARG A 106 -7.33 -9.89 -3.95
N ALA A 107 -6.91 -8.76 -3.40
CA ALA A 107 -6.67 -8.62 -1.97
C ALA A 107 -7.94 -8.77 -1.15
N ARG A 108 -9.03 -8.16 -1.61
CA ARG A 108 -10.29 -8.25 -0.90
C ARG A 108 -10.72 -9.71 -0.76
N GLU A 109 -10.43 -10.48 -1.80
CA GLU A 109 -10.80 -11.89 -1.84
C GLU A 109 -9.76 -12.85 -1.25
N SER A 110 -8.60 -12.32 -0.86
CA SER A 110 -7.46 -13.17 -0.49
C SER A 110 -6.93 -13.00 0.94
N GLN A 111 -7.76 -12.50 1.84
CA GLN A 111 -7.36 -12.20 3.22
C GLN A 111 -7.10 -13.43 4.07
N ASP A 112 -7.49 -14.59 3.56
CA ASP A 112 -7.22 -15.85 4.24
C ASP A 112 -5.96 -16.55 3.72
N ARG A 113 -5.18 -15.84 2.91
CA ARG A 113 -3.94 -16.37 2.34
C ARG A 113 -2.99 -15.23 1.94
N LYS A 114 -2.55 -14.50 2.96
CA LYS A 114 -1.80 -13.25 2.84
C LYS A 114 -0.39 -13.44 2.25
N ILE A 115 0.04 -12.49 1.43
CA ILE A 115 1.26 -12.66 0.63
C ILE A 115 2.56 -12.77 1.44
N PHE A 116 2.60 -12.14 2.62
CA PHE A 116 3.83 -12.11 3.42
C PHE A 116 3.72 -12.99 4.66
N ARG A 117 2.73 -13.87 4.69
CA ARG A 117 2.61 -14.81 5.80
C ARG A 117 3.84 -15.70 5.91
N GLY A 118 4.37 -15.84 7.12
CA GLY A 118 5.51 -16.69 7.35
C GLY A 118 6.83 -15.97 7.17
N LEU A 119 6.77 -14.69 6.83
CA LEU A 119 7.96 -13.85 6.76
C LEU A 119 8.16 -12.93 7.96
N GLU A 120 9.43 -12.67 8.27
CA GLU A 120 9.82 -11.65 9.23
C GLU A 120 10.56 -10.54 8.47
N ILE A 121 10.08 -9.31 8.59
CA ILE A 121 10.65 -8.22 7.81
C ILE A 121 11.19 -7.09 8.69
N CYS A 122 12.42 -6.66 8.38
CA CYS A 122 13.01 -5.50 9.03
C CYS A 122 13.13 -4.33 8.06
N CYS A 123 12.54 -3.19 8.42
CA CYS A 123 12.66 -1.99 7.62
C CYS A 123 13.87 -1.19 8.10
N TYR A 124 14.99 -1.42 7.43
CA TYR A 124 16.29 -0.98 7.91
C TYR A 124 16.76 0.31 7.29
N GLY A 125 17.36 1.15 8.13
CA GLY A 125 17.91 2.44 7.72
C GLY A 125 16.86 3.47 7.38
N PRO A 126 17.29 4.57 6.75
CA PRO A 126 16.39 5.68 6.41
C PRO A 126 15.42 5.35 5.28
N PHE A 127 14.24 5.95 5.34
CA PHE A 127 13.28 5.93 4.25
C PHE A 127 12.83 7.36 3.97
N THR A 128 12.41 7.66 2.75
CA THR A 128 11.82 8.96 2.48
C THR A 128 10.37 8.89 1.98
N ASN A 129 9.63 9.96 2.23
CA ASN A 129 8.22 10.10 1.83
C ASN A 129 7.23 9.11 2.44
N MET A 130 7.69 8.30 3.38
CA MET A 130 6.94 7.19 3.94
C MET A 130 7.66 6.80 5.21
N PRO A 131 7.13 7.25 6.35
CA PRO A 131 7.69 6.89 7.65
C PRO A 131 7.78 5.38 7.84
N THR A 132 8.84 4.94 8.50
CA THR A 132 9.08 3.54 8.80
C THR A 132 7.86 2.82 9.35
N ASP A 133 7.18 3.46 10.30
CA ASP A 133 6.02 2.86 10.96
C ASP A 133 4.85 2.56 10.02
N GLN A 134 4.73 3.31 8.93
CA GLN A 134 3.70 3.03 7.93
C GLN A 134 4.10 1.89 7.00
N LEU A 135 5.39 1.79 6.70
CA LEU A 135 5.93 0.64 5.98
C LEU A 135 5.85 -0.63 6.80
N GLU A 136 6.16 -0.53 8.08
CA GLU A 136 6.06 -1.67 8.98
C GLU A 136 4.60 -2.13 9.07
N TRP A 137 3.70 -1.17 9.19
CA TRP A 137 2.27 -1.43 9.29
C TRP A 137 1.72 -2.12 8.04
N MET A 138 2.16 -1.66 6.87
CA MET A 138 1.76 -2.25 5.59
C MET A 138 2.07 -3.75 5.53
N VAL A 139 3.28 -4.13 5.89
CA VAL A 139 3.69 -5.53 5.78
C VAL A 139 3.02 -6.38 6.87
N GLN A 140 2.72 -5.78 8.03
CA GLN A 140 1.94 -6.47 9.05
C GLN A 140 0.54 -6.83 8.57
N LEU A 141 -0.12 -5.88 7.91
CA LEU A 141 -1.44 -6.11 7.32
C LEU A 141 -1.37 -7.26 6.32
N CYS A 142 -0.23 -7.34 5.64
CA CYS A 142 0.00 -8.41 4.69
C CYS A 142 0.65 -9.63 5.34
N GLY A 143 0.71 -9.64 6.67
CA GLY A 143 1.02 -10.85 7.41
C GLY A 143 2.44 -11.03 7.95
N ALA A 144 3.33 -10.09 7.65
CA ALA A 144 4.72 -10.17 8.12
C ALA A 144 4.89 -9.87 9.61
N SER A 145 5.91 -10.48 10.22
CA SER A 145 6.40 -10.04 11.53
C SER A 145 7.42 -8.92 11.38
N VAL A 146 7.23 -7.83 12.10
CA VAL A 146 8.17 -6.71 12.06
C VAL A 146 9.30 -6.80 13.08
N VAL A 147 10.51 -6.50 12.61
CA VAL A 147 11.71 -6.53 13.42
C VAL A 147 12.29 -5.11 13.41
N LYS A 148 12.58 -4.55 14.58
CA LYS A 148 13.17 -3.20 14.60
C LYS A 148 14.68 -3.17 14.36
N GLU A 149 15.39 -4.24 14.75
CA GLU A 149 16.84 -4.26 14.70
C GLU A 149 17.38 -5.58 14.14
N LEU A 150 18.33 -5.49 13.22
CA LEU A 150 18.93 -6.65 12.56
C LEU A 150 19.26 -7.86 13.44
N SER A 151 19.68 -7.61 14.68
CA SER A 151 20.16 -8.68 15.54
C SER A 151 19.06 -9.41 16.27
N SER A 152 17.81 -9.06 15.97
CA SER A 152 16.67 -9.65 16.66
C SER A 152 15.90 -10.59 15.72
N PHE A 153 16.45 -10.84 14.53
CA PHE A 153 15.83 -11.79 13.63
C PHE A 153 15.72 -13.17 14.27
N THR A 154 14.55 -13.80 14.15
CA THR A 154 14.38 -15.11 14.75
C THR A 154 15.26 -16.17 14.08
N LEU A 155 16.05 -16.91 14.85
CA LEU A 155 16.93 -17.94 14.29
C LEU A 155 16.13 -19.22 14.03
N GLY A 156 14.85 -19.14 14.37
CA GLY A 156 13.86 -20.18 14.19
C GLY A 156 13.35 -20.52 12.82
N THR A 157 13.46 -21.79 12.44
CA THR A 157 12.99 -22.26 11.14
C THR A 157 11.51 -21.88 10.92
N GLY A 158 10.81 -21.52 11.99
CA GLY A 158 9.41 -21.14 11.93
C GLY A 158 9.13 -19.93 11.04
N VAL A 159 10.06 -18.98 11.02
CA VAL A 159 9.87 -17.74 10.24
C VAL A 159 11.11 -17.40 9.40
N HIS A 160 10.88 -16.85 8.20
CA HIS A 160 11.96 -16.47 7.30
C HIS A 160 12.19 -14.96 7.33
N PRO A 161 13.47 -14.54 7.41
CA PRO A 161 13.72 -13.10 7.47
C PRO A 161 14.13 -12.45 6.15
N ILE A 162 13.71 -11.20 5.97
CA ILE A 162 13.95 -10.38 4.79
C ILE A 162 14.29 -8.96 5.27
N VAL A 163 15.37 -8.37 4.76
CA VAL A 163 15.63 -6.97 5.07
C VAL A 163 15.32 -6.01 3.91
N VAL A 164 14.46 -5.04 4.19
CA VAL A 164 14.05 -4.03 3.22
C VAL A 164 14.70 -2.68 3.50
N VAL A 165 15.32 -2.10 2.48
CA VAL A 165 15.98 -0.80 2.62
C VAL A 165 15.71 0.07 1.40
N GLN A 166 15.81 1.39 1.57
CA GLN A 166 15.65 2.31 0.46
C GLN A 166 16.98 2.99 0.26
N PRO A 167 17.80 2.45 -0.67
CA PRO A 167 19.18 2.86 -0.90
C PRO A 167 19.34 4.35 -1.14
N ASP A 168 18.44 4.97 -1.89
CA ASP A 168 18.61 6.38 -2.19
C ASP A 168 18.36 7.31 -1.00
N ALA A 169 17.82 6.76 0.09
CA ALA A 169 17.74 7.49 1.36
C ALA A 169 19.04 7.47 2.15
N TRP A 170 19.98 6.63 1.72
CA TRP A 170 21.26 6.49 2.41
C TRP A 170 22.24 7.57 1.95
N THR A 171 23.41 7.64 2.58
CA THR A 171 24.48 8.53 2.11
C THR A 171 25.85 8.01 2.52
N ASN A 174 27.65 3.20 0.24
CA ASN A 174 27.37 3.34 1.67
C ASN A 174 27.06 2.01 2.33
N GLY A 175 26.73 2.08 3.62
CA GLY A 175 26.53 0.92 4.46
C GLY A 175 25.52 -0.16 4.09
N PHE A 176 24.61 0.13 3.18
CA PHE A 176 23.60 -0.87 2.83
C PHE A 176 24.14 -2.02 1.97
N HIS A 177 25.40 -1.95 1.58
CA HIS A 177 26.07 -3.04 0.89
C HIS A 177 26.74 -3.98 1.89
N ALA A 178 26.75 -3.57 3.16
CA ALA A 178 27.35 -4.35 4.24
C ALA A 178 26.38 -5.02 5.22
N ILE A 179 25.09 -5.09 4.90
CA ILE A 179 24.14 -5.75 5.79
C ILE A 179 24.37 -7.27 5.86
N GLY A 180 24.74 -7.86 4.73
CA GLY A 180 24.98 -9.29 4.62
C GLY A 180 26.14 -9.85 5.43
N GLN A 181 26.95 -8.95 5.97
CA GLN A 181 28.00 -9.30 6.94
C GLN A 181 27.57 -9.36 8.40
N MET A 182 26.30 -9.07 8.69
CA MET A 182 25.82 -9.04 10.06
C MET A 182 24.65 -9.98 10.24
N CYS A 183 24.12 -10.48 9.13
CA CYS A 183 23.17 -11.58 9.12
C CYS A 183 23.00 -12.11 7.70
N GLU A 184 22.44 -13.31 7.59
CA GLU A 184 22.32 -13.96 6.29
C GLU A 184 21.00 -13.73 5.59
N ALA A 185 20.16 -12.85 6.14
CA ALA A 185 18.86 -12.62 5.52
C ALA A 185 19.08 -11.86 4.21
N PRO A 186 18.28 -12.16 3.18
CA PRO A 186 18.26 -11.41 1.91
C PRO A 186 17.90 -9.93 2.03
N VAL A 187 18.62 -9.11 1.29
CA VAL A 187 18.40 -7.67 1.30
C VAL A 187 17.80 -7.23 -0.05
N VAL A 188 16.61 -6.66 0.00
CA VAL A 188 15.89 -6.21 -1.19
C VAL A 188 15.48 -4.74 -1.05
N THR A 189 15.25 -4.06 -2.17
CA THR A 189 14.75 -2.70 -2.09
C THR A 189 13.29 -2.64 -1.66
N ARG A 190 12.88 -1.46 -1.23
CA ARG A 190 11.50 -1.18 -0.81
C ARG A 190 10.51 -1.44 -1.95
N GLU A 191 10.97 -1.26 -3.18
CA GLU A 191 10.16 -1.52 -4.37
C GLU A 191 9.65 -2.95 -4.42
N TRP A 192 10.37 -3.88 -3.81
CA TRP A 192 9.89 -5.26 -3.66
C TRP A 192 8.56 -5.33 -2.92
N VAL A 193 8.46 -4.59 -1.82
CA VAL A 193 7.23 -4.53 -1.03
C VAL A 193 6.10 -3.87 -1.81
N LEU A 194 6.35 -2.68 -2.34
CA LEU A 194 5.33 -1.90 -3.01
C LEU A 194 4.73 -2.65 -4.20
N ASP A 195 5.58 -3.25 -5.02
CA ASP A 195 5.14 -4.06 -6.15
C ASP A 195 4.40 -5.29 -5.67
N SER A 196 4.89 -5.90 -4.60
CA SER A 196 4.23 -7.08 -4.06
C SER A 196 2.83 -6.71 -3.58
N VAL A 197 2.71 -5.57 -2.92
CA VAL A 197 1.42 -5.15 -2.39
C VAL A 197 0.46 -4.76 -3.52
N ALA A 198 0.93 -3.97 -4.47
CA ALA A 198 0.09 -3.52 -5.58
C ALA A 198 -0.44 -4.69 -6.41
N LEU A 199 0.43 -5.65 -6.69
CA LEU A 199 0.05 -6.83 -7.44
C LEU A 199 -0.72 -7.82 -6.55
N TYR A 200 -0.59 -7.60 -5.24
CA TYR A 200 -0.97 -8.56 -4.20
C TYR A 200 -0.45 -9.96 -4.49
N GLN A 201 0.83 -10.03 -4.86
CA GLN A 201 1.52 -11.27 -5.17
C GLN A 201 2.95 -11.15 -4.66
N CYS A 202 3.38 -12.07 -3.81
CA CYS A 202 4.74 -12.02 -3.27
C CYS A 202 5.66 -12.23 -4.47
N GLN A 203 6.42 -11.18 -4.78
CA GLN A 203 7.30 -11.17 -5.94
C GLN A 203 8.61 -11.93 -5.67
N GLU A 204 9.16 -12.51 -6.72
CA GLU A 204 10.49 -13.10 -6.65
C GLU A 204 11.48 -12.02 -6.25
N LEU A 205 12.40 -12.38 -5.37
CA LEU A 205 13.37 -11.41 -4.87
C LEU A 205 14.35 -10.99 -5.94
N ASP A 206 14.60 -11.88 -6.90
CA ASP A 206 15.68 -11.74 -7.88
C ASP A 206 15.91 -10.31 -8.36
N THR A 207 14.90 -9.71 -8.99
CA THR A 207 15.08 -8.38 -9.57
C THR A 207 15.13 -7.27 -8.52
N TYR A 208 14.90 -7.60 -7.25
CA TYR A 208 14.89 -6.56 -6.23
C TYR A 208 16.10 -6.63 -5.30
N LEU A 209 16.93 -7.65 -5.47
CA LEU A 209 18.04 -7.88 -4.55
C LEU A 209 19.13 -6.80 -4.61
N ILE A 210 19.56 -6.37 -3.43
CA ILE A 210 20.69 -5.43 -3.31
C ILE A 210 22.01 -6.18 -3.08
N PRO A 211 22.92 -6.14 -4.07
CA PRO A 211 24.16 -6.92 -4.00
C PRO A 211 25.00 -6.55 -2.77
N GLN A 212 25.50 -7.54 -2.02
CA GLN A 212 26.26 -7.20 -0.83
C GLN A 212 27.77 -7.37 -1.00
N ILE A 213 28.54 -6.55 -0.29
CA ILE A 213 29.99 -6.69 -0.24
C ILE A 213 30.35 -7.96 0.54
N PRO A 214 31.31 -8.75 0.04
CA PRO A 214 31.70 -9.95 0.78
C PRO A 214 32.26 -9.58 2.16
C ACE B 1 -8.58 19.00 9.92
O ACE B 1 -7.89 18.05 10.29
CH3 ACE B 1 -9.96 19.23 10.48
N THR B 2 -8.20 19.91 9.02
CA THR B 2 -6.92 19.94 8.30
C THR B 2 -6.55 18.59 7.71
N ILE B 3 -6.74 18.45 6.40
CA ILE B 3 -6.42 17.20 5.73
C ILE B 3 -5.29 17.42 4.74
N ASP B 4 -4.62 16.34 4.35
CA ASP B 4 -3.47 16.44 3.46
C ASP B 4 -3.88 16.36 2.00
N PFF B 5 -3.14 17.07 1.15
CA PFF B 5 -3.45 17.09 -0.27
C PFF B 5 -2.25 16.78 -1.15
O PFF B 5 -2.33 16.28 -2.27
CB PFF B 5 -3.99 18.47 -0.70
CG PFF B 5 -5.44 18.58 -0.36
CD1 PFF B 5 -6.39 18.00 -1.20
CD2 PFF B 5 -5.84 19.26 0.79
CE1 PFF B 5 -7.74 18.09 -0.89
CE2 PFF B 5 -7.19 19.35 1.11
CZ PFF B 5 -8.14 18.76 0.26
F PFF B 5 -9.46 18.85 0.56
N ASP B 6 -1.08 17.10 -0.61
CA ASP B 6 0.17 16.91 -1.34
C ASP B 6 0.75 15.52 -1.06
N GLU B 7 -0.07 14.50 -1.25
CA GLU B 7 0.37 13.12 -1.08
C GLU B 7 1.45 12.80 -2.09
N TYR B 8 2.43 12.01 -1.66
CA TYR B 8 3.53 11.63 -2.54
C TYR B 8 3.12 10.44 -3.41
N ARG B 9 3.56 10.47 -4.66
CA ARG B 9 3.25 9.41 -5.61
C ARG B 9 4.49 8.57 -5.91
N PFF B 10 4.38 7.27 -5.71
CA PFF B 10 5.51 6.37 -5.86
C PFF B 10 5.63 5.84 -7.28
O PFF B 10 5.07 4.82 -7.68
CB PFF B 10 5.42 5.20 -4.87
CG PFF B 10 5.48 5.77 -3.49
CD1 PFF B 10 6.72 5.97 -2.88
CD2 PFF B 10 4.31 6.13 -2.80
CE1 PFF B 10 6.82 6.51 -1.60
CE2 PFF B 10 4.38 6.68 -1.53
CZ PFF B 10 5.64 6.88 -0.92
F PFF B 10 5.73 7.40 0.32
N ARG B 11 6.39 6.58 -8.09
CA ARG B 11 6.55 6.24 -9.49
C ARG B 11 7.91 5.64 -9.80
N LYS B 12 8.26 4.58 -9.07
CA LYS B 12 9.57 3.92 -9.22
C LYS B 12 10.71 4.90 -8.98
N THR B 13 11.24 5.44 -10.07
CA THR B 13 12.38 6.36 -10.04
C THR B 13 13.53 5.84 -9.17
N NH2 B 14 13.77 4.54 -9.22
#